data_6IA6
#
_entry.id   6IA6
#
_cell.length_a   73.540
_cell.length_b   160.740
_cell.length_c   92.990
_cell.angle_alpha   90.00
_cell.angle_beta   90.00
_cell.angle_gamma   90.00
#
_symmetry.space_group_name_H-M   'C 2 2 21'
#
loop_
_entity.id
_entity.type
_entity.pdbx_description
1 polymer 'ELP3 family, ELP3 family'
2 non-polymer 'DESULFO-COENZYME A'
3 non-polymer 'FE2/S2 (INORGANIC) CLUSTER'
4 non-polymer 'PHOSPHATE ION'
#
_entity_poly.entity_id   1
_entity_poly.type   'polypeptide(L)'
_entity_poly.pdbx_seq_one_letter_code
;GAMAKKLSRTISGVTPVAVMTKPLPCPGKCIYCPTFAATPQSYTPESPAVLRAKSCEYQAYKQVALRLRIIQDMGHPTDK
VELIIMGGTFLSADITYQYGFIKDCYDALNGVVAGSLEEAKTINETAQHRCVGLCIETRPDICGKAEIQRMIDFGTTRVE
LGVQMLDDDIYKLVERGHRVSDVAEATCLLREYGLKVHYHWMPGLPGSSPEKDLALSRMVFEDPRFCPDGLKLYPTMVVE
GTILEQWWKEGRYTPYPNGTMTGLIADIKALVPPYVRISRVLRDIPAVFISAGLKDSLRDGVRQILESRHQKCRCIRCRE
YGHRQRKGQTSGEPTLRRLDYPASGGKEIFLSFEDASDTLYGLLRLRIPCASLPVLGQKYGAKTGLVRALHVGSGSGRGL
GRKLLAEAECLARDEFGLDSLAILSGVGAREYYRSLGYELVAGYMCKHLD
;
_entity_poly.pdbx_strand_id   A
#
loop_
_chem_comp.id
_chem_comp.type
_chem_comp.name
_chem_comp.formula
DCA non-polymer 'DESULFO-COENZYME A' 'C21 H36 N7 O16 P3'
FES non-polymer 'FE2/S2 (INORGANIC) CLUSTER' 'Fe2 S2'
PO4 non-polymer 'PHOSPHATE ION' 'O4 P -3'
#
# COMPACT_ATOMS: atom_id res chain seq x y z
N GLY A 13 0.93 -8.87 -13.64
CA GLY A 13 2.00 -9.85 -13.71
C GLY A 13 3.20 -9.47 -12.87
N VAL A 14 2.93 -8.96 -11.67
CA VAL A 14 3.97 -8.53 -10.74
C VAL A 14 4.12 -9.59 -9.66
N THR A 15 5.35 -9.96 -9.36
CA THR A 15 5.61 -10.95 -8.31
C THR A 15 5.85 -10.25 -6.99
N PRO A 16 5.18 -10.65 -5.90
CA PRO A 16 5.41 -9.97 -4.62
C PRO A 16 6.58 -10.58 -3.86
N VAL A 17 7.44 -9.72 -3.31
CA VAL A 17 8.56 -10.16 -2.47
C VAL A 17 8.35 -9.53 -1.10
N ALA A 18 7.84 -10.31 -0.15
CA ALA A 18 7.48 -9.81 1.17
C ALA A 18 8.54 -10.21 2.17
N VAL A 19 9.10 -9.22 2.87
CA VAL A 19 10.12 -9.45 3.89
C VAL A 19 9.68 -8.73 5.16
N MET A 20 10.17 -9.22 6.28
CA MET A 20 9.82 -8.69 7.59
C MET A 20 10.96 -7.87 8.16
N THR A 21 10.60 -6.87 8.97
CA THR A 21 11.57 -6.10 9.74
C THR A 21 11.84 -6.80 11.07
N LYS A 22 12.97 -6.47 11.67
CA LYS A 22 13.34 -7.07 12.95
C LYS A 22 12.33 -6.66 14.02
N PRO A 23 12.09 -7.51 15.01
CA PRO A 23 11.26 -7.09 16.14
C PRO A 23 11.76 -5.79 16.74
N LEU A 24 10.87 -4.82 16.84
CA LEU A 24 11.18 -3.50 17.36
C LEU A 24 10.45 -3.26 18.68
N PRO A 25 10.93 -2.32 19.50
CA PRO A 25 10.19 -1.96 20.71
C PRO A 25 8.91 -1.20 20.36
N CYS A 26 8.04 -1.09 21.35
CA CYS A 26 6.78 -0.38 21.15
C CYS A 26 7.07 1.09 20.88
N PRO A 27 6.54 1.66 19.78
CA PRO A 27 6.78 3.08 19.52
C PRO A 27 6.42 3.98 20.70
N GLY A 28 5.38 3.64 21.45
CA GLY A 28 4.98 4.44 22.58
C GLY A 28 5.67 4.03 23.87
N LYS A 29 5.79 4.98 24.79
CA LYS A 29 6.42 4.75 26.08
C LYS A 29 5.34 4.36 27.08
N CYS A 30 5.36 3.09 27.53
CA CYS A 30 4.39 2.61 28.50
C CYS A 30 4.97 1.37 29.18
N ILE A 31 4.86 1.32 30.51
CA ILE A 31 5.39 0.19 31.25
C ILE A 31 4.47 -1.02 31.10
N TYR A 32 3.18 -0.78 30.86
CA TYR A 32 2.26 -1.88 30.58
C TYR A 32 2.46 -2.46 29.19
N CYS A 33 3.02 -1.69 28.26
CA CYS A 33 3.21 -2.17 26.90
C CYS A 33 4.06 -3.44 26.89
N PRO A 34 4.01 -4.20 25.80
CA PRO A 34 4.83 -5.41 25.70
C PRO A 34 6.29 -5.07 25.38
N THR A 35 7.12 -6.11 25.43
CA THR A 35 8.54 -5.94 25.08
C THR A 35 8.69 -5.50 23.64
N PHE A 36 8.17 -6.28 22.71
CA PHE A 36 8.23 -5.98 21.29
C PHE A 36 6.87 -5.54 20.78
N ALA A 37 6.86 -4.56 19.89
CA ALA A 37 5.62 -4.06 19.32
C ALA A 37 4.82 -5.20 18.68
N ALA A 38 3.52 -4.98 18.56
CA ALA A 38 2.63 -5.93 17.92
C ALA A 38 2.57 -5.66 16.42
N THR A 39 2.72 -6.71 15.63
CA THR A 39 2.67 -6.62 14.18
C THR A 39 1.41 -7.29 13.64
N PRO A 40 0.98 -6.95 12.42
CA PRO A 40 -0.16 -7.67 11.83
C PRO A 40 0.09 -9.16 11.72
N GLN A 41 1.36 -9.57 11.64
CA GLN A 41 1.73 -10.98 11.52
C GLN A 41 1.84 -11.67 12.87
N SER A 42 1.45 -11.00 13.96
CA SER A 42 1.46 -11.64 15.27
C SER A 42 0.36 -12.68 15.39
N TYR A 43 -0.74 -12.49 14.66
CA TYR A 43 -1.84 -13.44 14.62
C TYR A 43 -1.86 -14.22 13.31
N THR A 44 -0.74 -14.25 12.59
CA THR A 44 -0.55 -15.12 11.42
C THR A 44 0.87 -15.68 11.46
N PRO A 45 1.21 -16.38 12.56
CA PRO A 45 2.61 -16.80 12.75
C PRO A 45 3.06 -17.91 11.81
N GLU A 46 2.15 -18.53 11.07
CA GLU A 46 2.48 -19.66 10.22
C GLU A 46 2.55 -19.30 8.75
N SER A 47 2.54 -18.02 8.41
CA SER A 47 2.72 -17.61 7.03
C SER A 47 4.14 -17.92 6.59
N PRO A 48 4.35 -18.53 5.41
CA PRO A 48 5.71 -18.81 4.94
C PRO A 48 6.69 -17.67 5.18
N ALA A 49 6.30 -16.45 4.79
CA ALA A 49 7.22 -15.31 4.90
C ALA A 49 7.64 -15.08 6.34
N VAL A 50 6.69 -15.15 7.29
CA VAL A 50 7.03 -14.97 8.69
C VAL A 50 8.02 -16.04 9.15
N LEU A 51 7.74 -17.29 8.81
CA LEU A 51 8.60 -18.39 9.21
C LEU A 51 10.00 -18.23 8.62
N ARG A 52 10.08 -17.88 7.33
CA ARG A 52 11.38 -17.64 6.72
C ARG A 52 12.08 -16.47 7.39
N ALA A 53 11.36 -15.38 7.64
CA ALA A 53 11.96 -14.20 8.24
C ALA A 53 12.70 -14.55 9.53
N LYS A 54 12.04 -15.28 10.43
CA LYS A 54 12.70 -15.69 11.67
C LYS A 54 13.95 -16.51 11.39
N SER A 55 13.89 -17.39 10.40
CA SER A 55 15.03 -18.26 10.11
C SER A 55 16.25 -17.46 9.67
N CYS A 56 16.03 -16.31 9.03
CA CYS A 56 17.11 -15.48 8.52
C CYS A 56 17.53 -14.39 9.50
N GLU A 57 17.06 -14.44 10.74
CA GLU A 57 17.35 -13.39 11.73
C GLU A 57 16.90 -12.01 11.24
N TYR A 58 15.85 -11.98 10.43
CA TYR A 58 15.23 -10.72 9.98
C TYR A 58 16.21 -9.86 9.20
N GLN A 59 17.08 -10.49 8.42
CA GLN A 59 18.01 -9.77 7.56
C GLN A 59 17.34 -9.47 6.22
N ALA A 60 17.45 -8.22 5.77
CA ALA A 60 16.81 -7.82 4.52
C ALA A 60 17.42 -8.55 3.33
N TYR A 61 18.73 -8.44 3.15
CA TYR A 61 19.37 -9.06 1.98
C TYR A 61 19.12 -10.55 1.96
N LYS A 62 19.28 -11.22 3.10
CA LYS A 62 19.08 -12.68 3.14
C LYS A 62 17.65 -13.04 2.75
N GLN A 63 16.66 -12.29 3.26
CA GLN A 63 15.27 -12.59 2.95
C GLN A 63 14.98 -12.43 1.46
N VAL A 64 15.33 -11.28 0.89
CA VAL A 64 15.01 -11.02 -0.51
C VAL A 64 15.71 -12.03 -1.41
N ALA A 65 16.99 -12.30 -1.14
CA ALA A 65 17.72 -13.29 -1.94
C ALA A 65 17.03 -14.65 -1.88
N LEU A 66 16.68 -15.11 -0.66
CA LEU A 66 16.02 -16.39 -0.52
C LEU A 66 14.69 -16.41 -1.26
N ARG A 67 13.91 -15.33 -1.15
CA ARG A 67 12.60 -15.31 -1.80
C ARG A 67 12.73 -15.32 -3.31
N LEU A 68 13.78 -14.69 -3.87
CA LEU A 68 14.01 -14.76 -5.30
C LEU A 68 14.34 -16.19 -5.72
N ARG A 69 15.08 -16.93 -4.89
CA ARG A 69 15.40 -18.31 -5.21
C ARG A 69 14.15 -19.18 -5.23
N ILE A 70 13.25 -18.97 -4.27
CA ILE A 70 12.01 -19.74 -4.21
C ILE A 70 11.18 -19.49 -5.46
N ILE A 71 11.00 -18.22 -5.83
CA ILE A 71 10.17 -17.88 -6.98
C ILE A 71 10.76 -18.49 -8.24
N GLN A 72 12.09 -18.44 -8.39
CA GLN A 72 12.71 -19.01 -9.57
C GLN A 72 12.58 -20.53 -9.58
N ASP A 73 12.70 -21.16 -8.41
CA ASP A 73 12.50 -22.60 -8.34
C ASP A 73 11.08 -23.00 -8.75
N MET A 74 10.11 -22.13 -8.48
CA MET A 74 8.74 -22.37 -8.90
C MET A 74 8.50 -22.10 -10.38
N GLY A 75 9.50 -21.56 -11.08
CA GLY A 75 9.35 -21.23 -12.47
C GLY A 75 8.62 -19.92 -12.75
N HIS A 76 8.35 -19.12 -11.71
CA HIS A 76 7.66 -17.86 -11.88
C HIS A 76 8.64 -16.76 -12.31
N PRO A 77 8.15 -15.72 -12.99
CA PRO A 77 9.03 -14.64 -13.41
C PRO A 77 9.44 -13.78 -12.24
N THR A 78 10.62 -13.15 -12.37
CA THR A 78 11.12 -12.22 -11.38
C THR A 78 11.54 -10.88 -12.00
N ASP A 79 11.24 -10.67 -13.28
CA ASP A 79 11.59 -9.41 -13.94
C ASP A 79 10.69 -8.25 -13.50
N LYS A 80 9.63 -8.51 -12.76
CA LYS A 80 8.74 -7.48 -12.25
C LYS A 80 8.35 -7.85 -10.83
N VAL A 81 8.77 -7.03 -9.87
CA VAL A 81 8.66 -7.35 -8.45
C VAL A 81 8.05 -6.17 -7.71
N GLU A 82 7.29 -6.49 -6.67
CA GLU A 82 6.83 -5.50 -5.69
C GLU A 82 7.39 -5.89 -4.33
N LEU A 83 8.29 -5.07 -3.80
CA LEU A 83 8.79 -5.27 -2.44
C LEU A 83 7.72 -4.88 -1.43
N ILE A 84 7.60 -5.67 -0.37
CA ILE A 84 6.61 -5.44 0.67
C ILE A 84 7.32 -5.55 2.01
N ILE A 85 7.51 -4.43 2.68
CA ILE A 85 8.09 -4.39 4.02
C ILE A 85 6.97 -4.59 5.02
N MET A 86 7.02 -5.69 5.76
CA MET A 86 5.97 -6.07 6.68
C MET A 86 6.41 -5.83 8.12
N GLY A 87 5.47 -5.39 8.96
CA GLY A 87 5.76 -5.15 10.35
C GLY A 87 4.88 -4.08 10.97
N GLY A 88 4.62 -3.00 10.22
CA GLY A 88 3.82 -1.90 10.73
C GLY A 88 4.55 -0.97 11.66
N THR A 89 5.74 -1.35 12.12
CA THR A 89 6.56 -0.51 12.99
C THR A 89 7.86 -0.08 12.32
N PHE A 90 8.05 -0.42 11.04
CA PHE A 90 9.29 -0.13 10.36
C PHE A 90 9.67 1.34 10.49
N LEU A 91 8.75 2.24 10.17
CA LEU A 91 9.06 3.67 10.09
C LEU A 91 9.35 4.30 11.44
N SER A 92 9.33 3.55 12.53
CA SER A 92 9.54 4.10 13.87
C SER A 92 10.88 3.68 14.46
N ALA A 93 11.75 3.04 13.68
CA ALA A 93 13.04 2.58 14.16
C ALA A 93 14.11 3.61 13.85
N ASP A 94 15.37 3.25 14.12
CA ASP A 94 16.50 4.11 13.76
C ASP A 94 16.43 4.46 12.28
N ILE A 95 16.68 5.73 11.96
CA ILE A 95 16.75 6.13 10.56
C ILE A 95 17.86 5.36 9.84
N THR A 96 18.97 5.12 10.52
CA THR A 96 20.04 4.31 9.94
C THR A 96 19.52 2.93 9.58
N TYR A 97 18.72 2.31 10.45
CA TYR A 97 18.19 0.99 10.17
C TYR A 97 17.24 1.01 8.98
N GLN A 98 16.36 2.01 8.91
CA GLN A 98 15.39 2.07 7.82
C GLN A 98 16.08 2.12 6.47
N TYR A 99 16.94 3.12 6.26
CA TYR A 99 17.63 3.25 4.97
C TYR A 99 18.50 2.02 4.70
N GLY A 100 19.18 1.50 5.72
CA GLY A 100 19.97 0.31 5.53
C GLY A 100 19.14 -0.87 5.08
N PHE A 101 17.99 -1.08 5.72
CA PHE A 101 17.12 -2.19 5.36
C PHE A 101 16.69 -2.09 3.90
N ILE A 102 16.21 -0.91 3.50
CA ILE A 102 15.78 -0.72 2.11
C ILE A 102 16.94 -0.91 1.16
N LYS A 103 18.09 -0.31 1.47
CA LYS A 103 19.26 -0.43 0.61
C LYS A 103 19.63 -1.89 0.40
N ASP A 104 19.51 -2.70 1.45
CA ASP A 104 19.77 -4.13 1.32
C ASP A 104 18.83 -4.77 0.31
N CYS A 105 17.54 -4.42 0.37
CA CYS A 105 16.56 -5.01 -0.53
C CYS A 105 16.93 -4.78 -1.98
N TYR A 106 17.21 -3.53 -2.35
CA TYR A 106 17.57 -3.21 -3.73
C TYR A 106 18.84 -3.94 -4.16
N ASP A 107 19.84 -4.02 -3.27
CA ASP A 107 21.06 -4.73 -3.62
C ASP A 107 20.76 -6.17 -4.01
N ALA A 108 19.92 -6.86 -3.22
CA ALA A 108 19.58 -8.24 -3.53
C ALA A 108 18.87 -8.34 -4.89
N LEU A 109 17.96 -7.41 -5.17
CA LEU A 109 17.27 -7.41 -6.45
C LEU A 109 18.25 -7.18 -7.60
N ASN A 110 19.18 -6.24 -7.41
CA ASN A 110 20.13 -5.92 -8.47
C ASN A 110 21.20 -6.99 -8.66
N GLY A 111 21.45 -7.80 -7.64
CA GLY A 111 22.56 -8.73 -7.70
C GLY A 111 23.92 -8.09 -7.56
N VAL A 112 23.98 -6.81 -7.22
CA VAL A 112 25.24 -6.08 -7.07
C VAL A 112 25.09 -5.09 -5.92
N VAL A 113 26.18 -4.89 -5.18
CA VAL A 113 26.18 -3.96 -4.06
C VAL A 113 26.50 -2.57 -4.59
N ALA A 114 25.88 -1.56 -3.98
CA ALA A 114 26.07 -0.17 -4.35
C ALA A 114 26.62 0.61 -3.17
N GLY A 115 27.01 1.86 -3.42
CA GLY A 115 27.63 2.68 -2.41
C GLY A 115 26.63 3.40 -1.52
N SER A 116 25.40 3.56 -2.00
CA SER A 116 24.35 4.21 -1.24
C SER A 116 23.01 3.69 -1.71
N LEU A 117 21.95 4.15 -1.05
CA LEU A 117 20.60 3.75 -1.46
C LEU A 117 20.28 4.30 -2.85
N GLU A 118 20.55 5.58 -3.09
CA GLU A 118 20.21 6.18 -4.36
C GLU A 118 20.92 5.49 -5.51
N GLU A 119 22.17 5.05 -5.29
CA GLU A 119 22.88 4.33 -6.33
C GLU A 119 22.20 2.99 -6.61
N ALA A 120 21.76 2.30 -5.56
CA ALA A 120 21.04 1.04 -5.76
C ALA A 120 19.75 1.27 -6.53
N LYS A 121 19.02 2.34 -6.19
CA LYS A 121 17.79 2.66 -6.90
C LYS A 121 18.05 2.83 -8.39
N THR A 122 18.97 3.75 -8.74
CA THR A 122 19.25 4.01 -10.15
C THR A 122 19.74 2.76 -10.86
N ILE A 123 20.43 1.86 -10.15
CA ILE A 123 20.86 0.61 -10.76
C ILE A 123 19.66 -0.28 -11.07
N ASN A 124 18.68 -0.33 -10.15
CA ASN A 124 17.52 -1.17 -10.35
C ASN A 124 16.64 -0.67 -11.49
N GLU A 125 16.77 0.60 -11.88
CA GLU A 125 16.01 1.11 -13.01
C GLU A 125 16.23 0.30 -14.28
N THR A 126 17.32 -0.47 -14.34
CA THR A 126 17.64 -1.20 -15.57
C THR A 126 18.09 -2.63 -15.29
N ALA A 127 17.84 -3.15 -14.09
CA ALA A 127 18.30 -4.48 -13.73
C ALA A 127 17.31 -5.55 -14.18
N GLN A 128 17.75 -6.81 -14.09
CA GLN A 128 16.89 -7.93 -14.48
C GLN A 128 15.60 -7.92 -13.67
N HIS A 129 15.72 -7.81 -12.35
CA HIS A 129 14.57 -7.81 -11.45
C HIS A 129 14.17 -6.38 -11.17
N ARG A 130 13.17 -5.88 -11.88
CA ARG A 130 12.70 -4.52 -11.69
C ARG A 130 11.84 -4.44 -10.43
N CYS A 131 12.09 -3.40 -9.63
CA CYS A 131 11.26 -3.12 -8.46
C CYS A 131 10.22 -2.09 -8.88
N VAL A 132 9.20 -2.57 -9.58
CA VAL A 132 8.14 -1.70 -10.08
C VAL A 132 7.17 -1.22 -9.00
N GLY A 133 7.34 -1.69 -7.76
CA GLY A 133 6.49 -1.25 -6.67
C GLY A 133 7.14 -1.57 -5.35
N LEU A 134 6.86 -0.74 -4.35
CA LEU A 134 7.40 -0.96 -3.01
C LEU A 134 6.35 -0.54 -2.00
N CYS A 135 5.87 -1.52 -1.22
CA CYS A 135 4.81 -1.29 -0.26
C CYS A 135 5.37 -1.37 1.16
N ILE A 136 4.83 -0.53 2.04
CA ILE A 136 5.29 -0.46 3.43
C ILE A 136 4.07 -0.48 4.34
N GLU A 137 4.00 -1.49 5.21
CA GLU A 137 3.00 -1.48 6.27
C GLU A 137 3.39 -0.44 7.31
N THR A 138 2.45 0.41 7.69
CA THR A 138 2.66 1.37 8.76
C THR A 138 1.33 1.55 9.49
N ARG A 139 1.41 2.23 10.62
CA ARG A 139 0.22 2.47 11.43
C ARG A 139 -0.37 3.84 11.14
N PRO A 140 -1.66 4.03 11.42
CA PRO A 140 -2.27 5.34 11.12
C PRO A 140 -1.58 6.50 11.80
N ASP A 141 -1.14 6.31 13.05
CA ASP A 141 -0.48 7.39 13.78
C ASP A 141 1.01 7.49 13.47
N ILE A 142 1.57 6.54 12.71
CA ILE A 142 2.96 6.61 12.28
C ILE A 142 3.00 6.83 10.78
N CYS A 143 2.49 7.98 10.33
CA CYS A 143 2.38 8.24 8.90
C CYS A 143 2.15 9.73 8.64
N GLY A 144 3.05 10.56 9.16
CA GLY A 144 3.00 11.99 8.95
C GLY A 144 3.90 12.43 7.81
N LYS A 145 3.99 13.74 7.63
CA LYS A 145 4.83 14.28 6.57
C LYS A 145 6.26 13.78 6.69
N ALA A 146 6.80 13.76 7.91
CA ALA A 146 8.15 13.25 8.12
C ALA A 146 8.27 11.81 7.64
N GLU A 147 7.34 10.95 8.08
CA GLU A 147 7.41 9.54 7.70
C GLU A 147 7.22 9.36 6.19
N ILE A 148 6.33 10.15 5.59
CA ILE A 148 6.07 9.99 4.16
C ILE A 148 7.29 10.39 3.34
N GLN A 149 7.99 11.44 3.77
CA GLN A 149 9.16 11.90 3.03
C GLN A 149 10.20 10.80 2.92
N ARG A 150 10.41 10.04 3.99
CA ARG A 150 11.35 8.93 3.93
C ARG A 150 10.90 7.88 2.92
N MET A 151 9.60 7.57 2.90
CA MET A 151 9.10 6.54 2.00
C MET A 151 9.33 6.92 0.53
N ILE A 152 9.36 8.22 0.23
CA ILE A 152 9.69 8.64 -1.13
C ILE A 152 11.17 8.36 -1.42
N ASP A 153 12.04 8.59 -0.44
CA ASP A 153 13.46 8.31 -0.63
C ASP A 153 13.70 6.82 -0.88
N PHE A 154 12.83 5.96 -0.34
CA PHE A 154 12.94 4.53 -0.56
C PHE A 154 12.42 4.09 -1.93
N GLY A 155 11.68 4.96 -2.61
CA GLY A 155 11.01 4.55 -3.84
C GLY A 155 9.66 3.91 -3.58
N THR A 156 8.96 4.32 -2.54
CA THR A 156 7.70 3.70 -2.16
C THR A 156 6.59 4.07 -3.13
N THR A 157 5.71 3.10 -3.40
CA THR A 157 4.57 3.30 -4.28
C THR A 157 3.23 2.96 -3.63
N ARG A 158 3.21 2.26 -2.51
CA ARG A 158 1.97 1.86 -1.88
C ARG A 158 2.18 1.79 -0.37
N VAL A 159 1.10 1.99 0.38
CA VAL A 159 1.14 1.95 1.83
C VAL A 159 -0.08 1.20 2.34
N GLU A 160 0.13 0.33 3.32
CA GLU A 160 -0.95 -0.39 4.00
C GLU A 160 -1.06 0.14 5.42
N LEU A 161 -2.15 0.87 5.70
CA LEU A 161 -2.39 1.41 7.02
C LEU A 161 -3.07 0.36 7.89
N GLY A 162 -2.56 0.19 9.10
CA GLY A 162 -3.13 -0.76 10.04
C GLY A 162 -4.40 -0.24 10.67
N VAL A 163 -5.42 0.05 9.85
CA VAL A 163 -6.67 0.56 10.37
C VAL A 163 -7.42 -0.54 11.12
N GLN A 164 -7.42 -1.77 10.59
CA GLN A 164 -8.07 -2.90 11.22
C GLN A 164 -9.59 -2.71 11.23
N MET A 165 -10.09 -1.79 12.04
CA MET A 165 -11.50 -1.44 12.03
C MET A 165 -11.64 0.02 12.42
N LEU A 166 -12.69 0.65 11.88
CA LEU A 166 -12.80 2.12 11.91
C LEU A 166 -13.75 2.53 13.03
N ASP A 167 -13.25 2.48 14.26
CA ASP A 167 -13.96 3.02 15.41
C ASP A 167 -13.01 3.14 16.60
N ASP A 168 -13.01 4.31 17.23
CA ASP A 168 -12.10 4.55 18.35
C ASP A 168 -12.48 3.77 19.60
N ASP A 169 -13.61 3.08 19.59
CA ASP A 169 -14.04 2.29 20.73
C ASP A 169 -13.97 0.78 20.47
N ILE A 170 -13.32 0.37 19.37
CA ILE A 170 -13.09 -1.03 19.06
C ILE A 170 -11.64 -1.34 19.34
N TYR A 171 -11.38 -2.41 20.10
CA TYR A 171 -10.02 -2.79 20.44
C TYR A 171 -9.25 -3.21 19.20
N LYS A 172 -8.11 -2.57 18.96
CA LYS A 172 -7.21 -2.98 17.90
C LYS A 172 -6.27 -4.06 18.43
N LEU A 173 -5.71 -4.84 17.51
CA LEU A 173 -4.84 -5.95 17.86
C LEU A 173 -3.39 -5.52 18.05
N VAL A 174 -3.11 -4.22 18.10
CA VAL A 174 -1.76 -3.71 18.34
C VAL A 174 -1.76 -2.96 19.67
N GLU A 175 -0.57 -2.56 20.11
CA GLU A 175 -0.45 -1.85 21.38
C GLU A 175 -0.89 -0.41 21.20
N ARG A 176 -1.36 0.19 22.30
CA ARG A 176 -1.90 1.54 22.31
C ARG A 176 -3.17 1.63 21.48
N GLY A 177 -3.04 1.44 20.16
CA GLY A 177 -4.13 1.68 19.24
C GLY A 177 -4.13 3.10 18.72
N HIS A 178 -4.99 3.33 17.73
CA HIS A 178 -5.03 4.59 17.02
C HIS A 178 -6.46 5.13 17.02
N ARG A 179 -6.60 6.37 16.58
CA ARG A 179 -7.90 7.02 16.44
C ARG A 179 -8.27 7.13 14.97
N VAL A 180 -9.57 7.34 14.72
CA VAL A 180 -10.03 7.56 13.35
C VAL A 180 -9.39 8.82 12.78
N SER A 181 -9.21 9.85 13.62
CA SER A 181 -8.56 11.08 13.16
C SER A 181 -7.21 10.78 12.54
N ASP A 182 -6.42 9.91 13.18
CA ASP A 182 -5.11 9.57 12.63
C ASP A 182 -5.23 8.88 11.28
N VAL A 183 -6.31 8.14 11.06
CA VAL A 183 -6.49 7.46 9.77
C VAL A 183 -6.80 8.47 8.67
N ALA A 184 -7.65 9.46 8.98
CA ALA A 184 -8.00 10.46 7.97
C ALA A 184 -6.82 11.36 7.65
N GLU A 185 -6.05 11.76 8.67
CA GLU A 185 -4.89 12.62 8.42
C GLU A 185 -3.83 11.89 7.61
N ALA A 186 -3.61 10.60 7.91
CA ALA A 186 -2.64 9.84 7.14
C ALA A 186 -3.12 9.60 5.73
N THR A 187 -4.40 9.23 5.56
CA THR A 187 -4.93 8.99 4.23
C THR A 187 -4.83 10.25 3.38
N CYS A 188 -5.19 11.40 3.94
CA CYS A 188 -5.09 12.65 3.19
C CYS A 188 -3.66 12.89 2.72
N LEU A 189 -2.69 12.79 3.64
CA LEU A 189 -1.30 13.05 3.29
C LEU A 189 -0.82 12.06 2.22
N LEU A 190 -1.08 10.77 2.43
CA LEU A 190 -0.64 9.77 1.46
C LEU A 190 -1.14 10.09 0.06
N ARG A 191 -2.40 10.56 -0.05
CA ARG A 191 -2.94 10.89 -1.36
C ARG A 191 -2.26 12.13 -1.94
N GLU A 192 -2.05 13.15 -1.11
CA GLU A 192 -1.42 14.39 -1.58
C GLU A 192 0.01 14.17 -2.06
N TYR A 193 0.62 13.04 -1.73
CA TYR A 193 1.97 12.72 -2.18
C TYR A 193 1.99 11.68 -3.30
N GLY A 194 0.83 11.27 -3.80
CA GLY A 194 0.77 10.39 -4.95
C GLY A 194 0.94 8.93 -4.64
N LEU A 195 0.57 8.49 -3.44
CA LEU A 195 0.76 7.11 -3.03
C LEU A 195 -0.55 6.33 -3.10
N LYS A 196 -0.42 5.02 -3.23
CA LYS A 196 -1.57 4.13 -3.05
C LYS A 196 -1.89 4.00 -1.57
N VAL A 197 -3.18 3.90 -1.26
CA VAL A 197 -3.65 3.78 0.12
C VAL A 197 -4.49 2.51 0.23
N HIS A 198 -4.02 1.57 1.03
CA HIS A 198 -4.76 0.35 1.34
C HIS A 198 -4.96 0.27 2.85
N TYR A 199 -6.13 -0.21 3.26
CA TYR A 199 -6.46 -0.37 4.67
C TYR A 199 -6.45 -1.84 5.04
N HIS A 200 -5.83 -2.15 6.19
CA HIS A 200 -6.00 -3.46 6.80
C HIS A 200 -7.38 -3.51 7.44
N TRP A 201 -8.13 -4.56 7.11
CA TRP A 201 -9.53 -4.69 7.53
C TRP A 201 -9.72 -6.06 8.17
N MET A 202 -10.15 -6.08 9.41
CA MET A 202 -10.35 -7.33 10.15
C MET A 202 -11.60 -7.24 11.01
N PRO A 203 -12.72 -7.80 10.55
CA PRO A 203 -13.89 -7.91 11.42
C PRO A 203 -13.67 -8.97 12.48
N GLY A 204 -14.44 -8.85 13.56
CA GLY A 204 -14.31 -9.75 14.68
C GLY A 204 -13.41 -9.27 15.79
N LEU A 205 -13.12 -7.97 15.85
CA LEU A 205 -12.28 -7.44 16.91
C LEU A 205 -13.08 -7.30 18.20
N PRO A 206 -12.45 -7.51 19.36
CA PRO A 206 -13.15 -7.35 20.63
C PRO A 206 -13.91 -6.03 20.70
N GLY A 207 -15.18 -6.12 21.08
CA GLY A 207 -16.02 -4.95 21.21
C GLY A 207 -16.65 -4.52 19.90
N SER A 208 -17.23 -5.47 19.18
CA SER A 208 -17.82 -5.19 17.88
C SER A 208 -18.82 -6.28 17.54
N SER A 209 -19.58 -6.05 16.49
CA SER A 209 -20.63 -6.94 16.04
C SER A 209 -20.51 -7.16 14.54
N PRO A 210 -21.07 -8.26 14.02
CA PRO A 210 -21.20 -8.37 12.55
C PRO A 210 -21.97 -7.21 11.95
N GLU A 211 -22.85 -6.58 12.72
CA GLU A 211 -23.58 -5.42 12.23
C GLU A 211 -22.67 -4.20 12.16
N LYS A 212 -21.97 -3.91 13.26
CA LYS A 212 -21.10 -2.74 13.30
C LYS A 212 -19.99 -2.85 12.29
N ASP A 213 -19.41 -4.05 12.13
CA ASP A 213 -18.39 -4.26 11.12
C ASP A 213 -18.89 -3.85 9.74
N LEU A 214 -20.04 -4.40 9.33
CA LEU A 214 -20.55 -4.11 7.99
C LEU A 214 -20.99 -2.66 7.87
N ALA A 215 -21.54 -2.08 8.94
CA ALA A 215 -21.90 -0.67 8.92
C ALA A 215 -20.68 0.19 8.61
N LEU A 216 -19.61 0.04 9.39
CA LEU A 216 -18.41 0.83 9.17
C LEU A 216 -17.82 0.58 7.80
N SER A 217 -17.98 -0.65 7.26
CA SER A 217 -17.44 -0.94 5.94
C SER A 217 -18.18 -0.17 4.85
N ARG A 218 -19.47 0.11 5.05
CA ARG A 218 -20.21 0.93 4.10
C ARG A 218 -19.79 2.39 4.21
N MET A 219 -19.51 2.85 5.43
CA MET A 219 -19.13 4.25 5.64
C MET A 219 -17.83 4.58 4.94
N VAL A 220 -16.80 3.75 5.13
CA VAL A 220 -15.46 4.06 4.64
C VAL A 220 -15.47 4.27 3.13
N PHE A 221 -16.42 3.66 2.43
CA PHE A 221 -16.50 3.78 0.98
C PHE A 221 -17.46 4.86 0.52
N GLU A 222 -18.11 5.56 1.45
CA GLU A 222 -18.95 6.71 1.11
C GLU A 222 -18.69 7.84 2.10
N ASP A 223 -17.43 8.03 2.46
CA ASP A 223 -16.99 9.07 3.38
C ASP A 223 -15.72 9.69 2.82
N PRO A 224 -15.73 10.97 2.44
CA PRO A 224 -14.58 11.52 1.68
C PRO A 224 -13.25 11.44 2.42
N ARG A 225 -13.26 11.31 3.75
CA ARG A 225 -12.00 11.21 4.48
C ARG A 225 -11.28 9.90 4.20
N PHE A 226 -11.98 8.88 3.70
CA PHE A 226 -11.42 7.55 3.58
C PHE A 226 -11.44 7.09 2.12
N CYS A 227 -12.31 6.13 1.78
CA CYS A 227 -12.40 5.64 0.40
C CYS A 227 -11.05 5.12 -0.06
N PRO A 228 -10.54 4.04 0.52
CA PRO A 228 -9.21 3.55 0.13
C PRO A 228 -9.24 2.86 -1.22
N ASP A 229 -8.03 2.64 -1.76
CA ASP A 229 -7.88 1.93 -3.02
C ASP A 229 -8.07 0.43 -2.88
N GLY A 230 -7.96 -0.10 -1.66
CA GLY A 230 -8.10 -1.52 -1.47
C GLY A 230 -8.15 -1.86 0.01
N LEU A 231 -8.69 -3.03 0.29
CA LEU A 231 -8.76 -3.57 1.64
C LEU A 231 -8.01 -4.90 1.69
N LYS A 232 -7.31 -5.13 2.80
CA LYS A 232 -6.65 -6.42 3.05
C LYS A 232 -7.42 -7.07 4.19
N LEU A 233 -8.33 -7.97 3.84
CA LEU A 233 -9.25 -8.57 4.79
C LEU A 233 -8.52 -9.58 5.66
N TYR A 234 -8.43 -9.31 6.97
CA TYR A 234 -7.83 -10.20 7.95
C TYR A 234 -8.92 -10.78 8.84
N PRO A 235 -9.57 -11.88 8.45
CA PRO A 235 -10.55 -12.50 9.36
C PRO A 235 -9.97 -12.79 10.73
N THR A 236 -10.50 -12.14 11.76
CA THR A 236 -9.98 -12.33 13.11
C THR A 236 -10.28 -13.74 13.61
N MET A 237 -9.28 -14.36 14.22
CA MET A 237 -9.45 -15.69 14.79
C MET A 237 -8.45 -15.85 15.93
N VAL A 238 -8.79 -16.74 16.86
CA VAL A 238 -8.00 -16.92 18.08
C VAL A 238 -6.79 -17.81 17.79
N VAL A 239 -5.68 -17.19 17.41
CA VAL A 239 -4.42 -17.92 17.32
C VAL A 239 -3.95 -18.26 18.73
N GLU A 240 -3.59 -19.53 18.94
CA GLU A 240 -3.09 -19.94 20.25
C GLU A 240 -1.86 -19.11 20.64
N GLY A 241 -1.58 -19.10 21.94
CA GLY A 241 -0.44 -18.37 22.46
C GLY A 241 -0.43 -16.91 22.08
N THR A 242 -1.52 -16.20 22.39
CA THR A 242 -1.62 -14.78 22.13
C THR A 242 -2.51 -14.16 23.19
N ILE A 243 -2.48 -12.82 23.26
CA ILE A 243 -3.37 -12.11 24.17
C ILE A 243 -4.82 -12.50 23.92
N LEU A 244 -5.24 -12.41 22.65
CA LEU A 244 -6.64 -12.70 22.32
C LEU A 244 -7.05 -14.08 22.82
N GLU A 245 -6.13 -15.04 22.79
CA GLU A 245 -6.44 -16.36 23.33
C GLU A 245 -6.77 -16.27 24.81
N GLN A 246 -5.98 -15.51 25.58
CA GLN A 246 -6.29 -15.32 26.99
C GLN A 246 -7.71 -14.81 27.17
N TRP A 247 -8.14 -13.87 26.33
CA TRP A 247 -9.51 -13.37 26.42
C TRP A 247 -10.52 -14.45 26.08
N TRP A 248 -10.20 -15.33 25.15
CA TRP A 248 -11.10 -16.43 24.82
C TRP A 248 -11.25 -17.37 26.01
N LYS A 249 -10.13 -17.82 26.59
CA LYS A 249 -10.21 -18.65 27.79
C LYS A 249 -11.02 -17.98 28.87
N GLU A 250 -10.89 -16.66 29.02
CA GLU A 250 -11.56 -15.91 30.06
C GLU A 250 -12.96 -15.45 29.66
N GLY A 251 -13.46 -15.89 28.51
CA GLY A 251 -14.79 -15.51 28.08
C GLY A 251 -14.98 -14.03 27.81
N ARG A 252 -13.91 -13.23 27.83
CA ARG A 252 -14.00 -11.82 27.52
C ARG A 252 -14.06 -11.54 26.03
N TYR A 253 -13.89 -12.58 25.20
CA TYR A 253 -14.02 -12.44 23.75
C TYR A 253 -14.54 -13.77 23.20
N THR A 254 -15.44 -13.69 22.23
CA THR A 254 -15.97 -14.86 21.54
C THR A 254 -15.92 -14.58 20.05
N PRO A 255 -15.24 -15.38 19.25
CA PRO A 255 -15.15 -15.10 17.82
C PRO A 255 -16.51 -15.25 17.14
N TYR A 256 -16.62 -14.66 15.96
CA TYR A 256 -17.81 -14.86 15.15
C TYR A 256 -17.87 -16.32 14.71
N PRO A 257 -19.02 -16.97 14.80
CA PRO A 257 -19.11 -18.35 14.29
C PRO A 257 -18.59 -18.44 12.87
N ASN A 258 -17.93 -19.56 12.55
CA ASN A 258 -17.28 -19.71 11.26
C ASN A 258 -18.23 -19.38 10.12
N GLY A 259 -19.45 -19.91 10.17
CA GLY A 259 -20.43 -19.60 9.14
C GLY A 259 -20.75 -18.12 9.09
N THR A 260 -20.89 -17.48 10.25
CA THR A 260 -21.14 -16.05 10.30
C THR A 260 -20.05 -15.28 9.58
N MET A 261 -18.78 -15.57 9.91
CA MET A 261 -17.67 -14.82 9.34
C MET A 261 -17.69 -14.88 7.81
N THR A 262 -17.69 -16.09 7.26
CA THR A 262 -17.74 -16.25 5.80
C THR A 262 -18.89 -15.44 5.21
N GLY A 263 -20.00 -15.33 5.92
CA GLY A 263 -21.10 -14.52 5.44
C GLY A 263 -20.79 -13.03 5.48
N LEU A 264 -20.14 -12.58 6.55
CA LEU A 264 -19.87 -11.15 6.69
C LEU A 264 -18.91 -10.67 5.61
N ILE A 265 -17.82 -11.39 5.37
CA ILE A 265 -16.86 -10.95 4.36
C ILE A 265 -17.54 -10.89 3.00
N ALA A 266 -18.51 -11.78 2.76
CA ALA A 266 -19.24 -11.76 1.49
C ALA A 266 -20.02 -10.46 1.33
N ASP A 267 -20.73 -10.05 2.38
CA ASP A 267 -21.47 -8.79 2.33
C ASP A 267 -20.52 -7.61 2.12
N ILE A 268 -19.33 -7.68 2.72
CA ILE A 268 -18.36 -6.60 2.54
C ILE A 268 -18.00 -6.46 1.06
N LYS A 269 -17.65 -7.57 0.41
CA LYS A 269 -17.23 -7.52 -0.98
C LYS A 269 -18.28 -6.86 -1.86
N ALA A 270 -19.57 -7.05 -1.54
CA ALA A 270 -20.62 -6.47 -2.37
C ALA A 270 -20.70 -4.96 -2.22
N LEU A 271 -20.49 -4.45 -0.99
CA LEU A 271 -20.54 -3.02 -0.76
C LEU A 271 -19.53 -2.27 -1.64
N VAL A 272 -18.39 -2.89 -1.89
CA VAL A 272 -17.18 -2.20 -2.40
C VAL A 272 -17.49 -1.48 -3.71
N PRO A 273 -17.06 -0.23 -3.87
CA PRO A 273 -17.20 0.45 -5.16
C PRO A 273 -16.37 -0.23 -6.24
N PRO A 274 -16.40 0.27 -7.46
CA PRO A 274 -15.62 -0.38 -8.55
C PRO A 274 -14.13 -0.07 -8.51
N TYR A 275 -13.69 0.98 -7.82
CA TYR A 275 -12.30 1.42 -7.88
C TYR A 275 -11.43 0.76 -6.82
N VAL A 276 -11.94 -0.24 -6.10
CA VAL A 276 -11.30 -0.75 -4.89
C VAL A 276 -10.81 -2.18 -5.14
N ARG A 277 -9.61 -2.46 -4.67
CA ARG A 277 -8.95 -3.76 -4.86
C ARG A 277 -9.05 -4.53 -3.55
N ILE A 278 -9.98 -5.46 -3.49
CA ILE A 278 -10.15 -6.29 -2.30
C ILE A 278 -9.03 -7.33 -2.26
N SER A 279 -8.20 -7.27 -1.22
CA SER A 279 -7.19 -8.29 -0.96
C SER A 279 -7.65 -9.17 0.19
N ARG A 280 -7.28 -10.44 0.12
CA ARG A 280 -7.73 -11.44 1.07
C ARG A 280 -6.54 -12.15 1.68
N VAL A 281 -6.80 -12.93 2.72
CA VAL A 281 -5.74 -13.69 3.37
C VAL A 281 -6.34 -14.76 4.27
N ARG A 314 -17.45 -7.67 -8.30
CA ARG A 314 -17.45 -6.21 -8.26
C ARG A 314 -16.06 -5.68 -7.94
N CYS A 315 -15.35 -6.38 -7.06
CA CYS A 315 -14.01 -5.98 -6.68
C CYS A 315 -13.03 -6.21 -7.83
N ILE A 316 -11.87 -5.55 -7.74
CA ILE A 316 -10.84 -5.76 -8.74
C ILE A 316 -10.38 -7.22 -8.68
N ARG A 317 -10.03 -7.76 -9.84
CA ARG A 317 -9.70 -9.19 -9.98
C ARG A 317 -10.96 -10.03 -9.80
N GLU A 333 -14.14 -5.87 -27.68
CA GLU A 333 -12.98 -5.14 -27.21
C GLU A 333 -13.30 -4.33 -25.96
N PRO A 334 -12.28 -3.90 -25.23
CA PRO A 334 -12.51 -3.06 -24.05
C PRO A 334 -12.59 -1.59 -24.41
N THR A 335 -13.46 -0.87 -23.70
CA THR A 335 -13.62 0.56 -23.88
C THR A 335 -13.12 1.29 -22.64
N LEU A 336 -12.89 2.59 -22.79
CA LEU A 336 -12.40 3.41 -21.68
C LEU A 336 -13.55 3.85 -20.80
N ARG A 337 -13.44 3.59 -19.50
CA ARG A 337 -14.44 3.94 -18.52
C ARG A 337 -13.88 4.98 -17.56
N ARG A 338 -14.77 5.80 -17.02
CA ARG A 338 -14.39 6.86 -16.09
C ARG A 338 -15.30 6.84 -14.87
N LEU A 339 -14.72 7.16 -13.71
CA LEU A 339 -15.48 7.22 -12.46
C LEU A 339 -14.79 8.23 -11.54
N ASP A 340 -15.56 9.19 -11.05
CA ASP A 340 -15.06 10.24 -10.18
C ASP A 340 -15.63 10.06 -8.77
N TYR A 341 -14.88 10.56 -7.79
CA TYR A 341 -15.37 10.60 -6.40
C TYR A 341 -14.48 11.50 -5.57
N PRO A 342 -15.05 12.25 -4.62
CA PRO A 342 -14.22 13.10 -3.77
C PRO A 342 -13.44 12.28 -2.74
N ALA A 343 -12.31 12.84 -2.31
CA ALA A 343 -11.46 12.15 -1.35
C ALA A 343 -10.44 13.10 -0.74
N SER A 344 -10.48 13.25 0.59
CA SER A 344 -9.55 14.12 1.30
C SER A 344 -9.53 15.52 0.70
N GLY A 345 -10.72 16.04 0.39
CA GLY A 345 -10.86 17.37 -0.17
C GLY A 345 -10.72 17.45 -1.68
N GLY A 346 -9.76 16.71 -2.23
CA GLY A 346 -9.53 16.71 -3.66
C GLY A 346 -10.49 15.78 -4.40
N LYS A 347 -10.18 15.57 -5.67
CA LYS A 347 -10.97 14.71 -6.54
C LYS A 347 -10.14 13.53 -7.01
N GLU A 348 -10.76 12.35 -7.03
CA GLU A 348 -10.13 11.12 -7.52
C GLU A 348 -10.83 10.69 -8.80
N ILE A 349 -10.04 10.33 -9.81
CA ILE A 349 -10.55 9.90 -11.11
C ILE A 349 -10.04 8.50 -11.37
N PHE A 350 -10.96 7.55 -11.51
CA PHE A 350 -10.62 6.15 -11.73
C PHE A 350 -10.93 5.79 -13.18
N LEU A 351 -9.90 5.74 -14.01
CA LEU A 351 -10.01 5.31 -15.39
C LEU A 351 -9.77 3.81 -15.48
N SER A 352 -10.35 3.19 -16.50
CA SER A 352 -10.22 1.74 -16.65
C SER A 352 -10.64 1.32 -18.04
N PHE A 353 -10.12 0.16 -18.46
CA PHE A 353 -10.53 -0.49 -19.71
C PHE A 353 -11.32 -1.74 -19.35
N GLU A 354 -12.56 -1.81 -19.82
CA GLU A 354 -13.42 -2.95 -19.54
C GLU A 354 -14.27 -3.25 -20.77
N ASP A 355 -14.75 -4.48 -20.85
CA ASP A 355 -15.55 -4.94 -21.98
C ASP A 355 -17.02 -5.09 -21.56
N ALA A 356 -17.85 -5.50 -22.52
CA ALA A 356 -19.28 -5.65 -22.25
C ALA A 356 -19.53 -6.58 -21.07
N SER A 357 -18.69 -7.59 -20.90
CA SER A 357 -18.81 -8.50 -19.76
C SER A 357 -18.26 -7.91 -18.48
N ASP A 358 -17.80 -6.66 -18.50
CA ASP A 358 -17.33 -5.95 -17.30
C ASP A 358 -16.09 -6.62 -16.70
N THR A 359 -15.27 -7.25 -17.55
CA THR A 359 -13.99 -7.77 -17.11
C THR A 359 -12.95 -6.67 -17.22
N LEU A 360 -12.12 -6.53 -16.17
CA LEU A 360 -11.17 -5.43 -16.08
C LEU A 360 -9.88 -5.77 -16.80
N TYR A 361 -9.39 -4.82 -17.61
CA TYR A 361 -8.17 -5.00 -18.38
C TYR A 361 -7.03 -4.10 -17.93
N GLY A 362 -7.34 -2.97 -17.30
CA GLY A 362 -6.31 -2.05 -16.86
C GLY A 362 -6.97 -0.84 -16.23
N LEU A 363 -6.20 -0.18 -15.36
CA LEU A 363 -6.73 0.94 -14.59
C LEU A 363 -5.68 2.02 -14.42
N LEU A 364 -6.16 3.23 -14.11
CA LEU A 364 -5.30 4.37 -13.85
C LEU A 364 -5.98 5.24 -12.79
N ARG A 365 -5.22 5.63 -11.77
CA ARG A 365 -5.73 6.45 -10.68
C ARG A 365 -5.18 7.86 -10.83
N LEU A 366 -6.04 8.80 -11.21
CA LEU A 366 -5.67 10.20 -11.36
C LEU A 366 -6.31 11.00 -10.24
N ARG A 367 -5.52 11.88 -9.61
CA ARG A 367 -5.98 12.69 -8.50
C ARG A 367 -5.79 14.17 -8.84
N ILE A 368 -6.84 14.96 -8.64
CA ILE A 368 -6.74 16.41 -8.65
C ILE A 368 -6.55 16.85 -7.20
N PRO A 369 -5.34 17.16 -6.77
CA PRO A 369 -5.10 17.41 -5.34
C PRO A 369 -5.57 18.80 -4.91
N CYS A 370 -5.79 18.93 -3.61
CA CYS A 370 -6.09 20.23 -3.03
C CYS A 370 -4.88 21.16 -3.10
N ALA A 371 -3.69 20.62 -2.84
CA ALA A 371 -2.47 21.42 -2.83
C ALA A 371 -1.35 20.62 -3.48
N SER A 372 -0.25 21.32 -3.78
CA SER A 372 0.92 20.69 -4.38
C SER A 372 2.02 20.54 -3.35
N LEU A 373 1.78 19.72 -2.32
CA LEU A 373 2.78 19.50 -1.29
C LEU A 373 4.11 19.01 -1.84
N PRO A 374 4.16 18.17 -2.87
CA PRO A 374 5.47 17.73 -3.40
C PRO A 374 6.41 18.90 -3.66
N VAL A 375 7.70 18.63 -3.52
CA VAL A 375 8.74 19.64 -3.71
C VAL A 375 9.24 19.56 -5.15
N LEU A 376 8.34 19.80 -6.10
CA LEU A 376 8.69 19.69 -7.51
C LEU A 376 9.56 20.88 -7.94
N GLY A 377 10.15 20.75 -9.12
CA GLY A 377 11.10 21.73 -9.62
C GLY A 377 10.51 23.10 -9.86
N GLN A 378 11.30 24.00 -10.46
CA GLN A 378 10.84 25.35 -10.72
C GLN A 378 9.85 25.41 -11.88
N LYS A 379 10.11 24.64 -12.95
CA LYS A 379 9.20 24.64 -14.09
C LYS A 379 7.83 24.10 -13.70
N TYR A 380 7.79 22.90 -13.12
CA TYR A 380 6.53 22.33 -12.63
C TYR A 380 6.22 22.98 -11.28
N GLY A 381 5.66 24.18 -11.35
CA GLY A 381 5.30 24.91 -10.15
C GLY A 381 4.01 24.41 -9.53
N ALA A 382 3.05 25.31 -9.37
CA ALA A 382 1.75 24.93 -8.83
C ALA A 382 0.91 24.24 -9.91
N LYS A 383 -0.31 23.87 -9.56
CA LYS A 383 -1.24 23.23 -10.48
C LYS A 383 -0.60 22.00 -11.11
N THR A 384 -0.36 21.00 -10.26
CA THR A 384 0.24 19.74 -10.67
C THR A 384 -0.67 18.59 -10.25
N GLY A 385 -0.95 17.70 -11.21
CA GLY A 385 -1.74 16.51 -10.93
C GLY A 385 -0.88 15.31 -10.61
N LEU A 386 -1.53 14.29 -10.06
CA LEU A 386 -0.83 13.10 -9.56
C LEU A 386 -1.46 11.86 -10.18
N VAL A 387 -0.63 11.04 -10.83
CA VAL A 387 -1.04 9.71 -11.29
C VAL A 387 -0.60 8.73 -10.21
N ARG A 388 -1.56 8.22 -9.46
CA ARG A 388 -1.25 7.39 -8.30
C ARG A 388 -1.10 5.91 -8.64
N ALA A 389 -1.66 5.46 -9.76
CA ALA A 389 -1.52 4.06 -10.14
C ALA A 389 -1.69 3.92 -11.65
N LEU A 390 -1.18 2.81 -12.18
CA LEU A 390 -1.31 2.49 -13.60
C LEU A 390 -0.95 1.02 -13.80
N HIS A 391 -1.93 0.13 -13.69
CA HIS A 391 -1.72 -1.30 -13.80
C HIS A 391 -2.45 -1.84 -15.01
N VAL A 392 -1.77 -2.68 -15.79
CA VAL A 392 -2.36 -3.34 -16.96
C VAL A 392 -1.90 -4.79 -16.98
N GLY A 393 -2.61 -5.65 -16.25
CA GLY A 393 -2.27 -7.05 -16.19
C GLY A 393 -2.57 -7.79 -17.48
N GLY A 397 -0.52 -6.71 -22.95
CA GLY A 397 0.56 -5.74 -22.92
C GLY A 397 0.74 -5.01 -24.25
N ARG A 398 -0.38 -4.64 -24.88
CA ARG A 398 -0.37 -4.00 -26.19
C ARG A 398 -1.25 -2.74 -26.16
N GLY A 399 -0.70 -1.64 -25.68
CA GLY A 399 -1.25 -0.32 -25.92
C GLY A 399 -2.05 0.28 -24.78
N LEU A 400 -2.72 -0.56 -23.98
CA LEU A 400 -3.62 -0.03 -22.96
C LEU A 400 -2.90 0.95 -22.04
N GLY A 401 -1.64 0.69 -21.75
CA GLY A 401 -0.86 1.54 -20.88
C GLY A 401 -0.84 2.99 -21.33
N ARG A 402 -0.29 3.25 -22.53
CA ARG A 402 -0.17 4.62 -22.99
C ARG A 402 -1.53 5.24 -23.29
N LYS A 403 -2.51 4.42 -23.71
CA LYS A 403 -3.85 4.94 -23.91
C LYS A 403 -4.42 5.52 -22.62
N LEU A 404 -4.33 4.76 -21.53
CA LEU A 404 -4.81 5.26 -20.25
C LEU A 404 -4.05 6.51 -19.82
N LEU A 405 -2.73 6.51 -19.97
CA LEU A 405 -1.93 7.65 -19.54
C LEU A 405 -2.21 8.88 -20.41
N ALA A 406 -2.51 8.67 -21.70
CA ALA A 406 -2.82 9.80 -22.56
C ALA A 406 -4.13 10.47 -22.13
N GLU A 407 -5.15 9.68 -21.83
CA GLU A 407 -6.41 10.25 -21.37
C GLU A 407 -6.21 11.11 -20.13
N ALA A 408 -5.48 10.57 -19.14
CA ALA A 408 -5.27 11.32 -17.90
C ALA A 408 -4.57 12.64 -18.16
N GLU A 409 -3.61 12.65 -19.10
CA GLU A 409 -2.89 13.88 -19.40
C GLU A 409 -3.83 14.96 -19.90
N CYS A 410 -4.73 14.61 -20.84
CA CYS A 410 -5.65 15.60 -21.38
C CYS A 410 -6.60 16.12 -20.32
N LEU A 411 -7.20 15.22 -19.53
CA LEU A 411 -8.11 15.65 -18.48
C LEU A 411 -7.44 16.63 -17.53
N ALA A 412 -6.14 16.43 -17.26
CA ALA A 412 -5.42 17.35 -16.40
C ALA A 412 -5.17 18.69 -17.07
N ARG A 413 -4.99 18.70 -18.39
CA ARG A 413 -4.71 19.93 -19.12
C ARG A 413 -5.99 20.65 -19.53
N ASP A 414 -6.93 19.93 -20.13
CA ASP A 414 -8.12 20.55 -20.71
C ASP A 414 -9.23 20.76 -19.68
N GLU A 415 -9.54 19.72 -18.90
CA GLU A 415 -10.68 19.79 -17.98
C GLU A 415 -10.34 20.44 -16.65
N PHE A 416 -9.10 20.31 -16.17
CA PHE A 416 -8.70 20.89 -14.90
C PHE A 416 -7.56 21.88 -15.02
N GLY A 417 -7.11 22.19 -16.23
CA GLY A 417 -6.12 23.24 -16.41
C GLY A 417 -4.89 23.10 -15.53
N LEU A 418 -4.46 21.87 -15.28
CA LEU A 418 -3.28 21.64 -14.47
C LEU A 418 -2.01 21.90 -15.29
N ASP A 419 -0.99 22.41 -14.60
CA ASP A 419 0.24 22.82 -15.27
C ASP A 419 1.14 21.65 -15.64
N SER A 420 0.96 20.49 -15.01
CA SER A 420 1.81 19.33 -15.28
C SER A 420 1.29 18.15 -14.49
N LEU A 421 1.87 16.98 -14.77
CA LEU A 421 1.55 15.76 -14.06
C LEU A 421 2.82 15.19 -13.41
N ALA A 422 2.62 14.48 -12.30
CA ALA A 422 3.71 13.82 -11.60
C ALA A 422 3.28 12.39 -11.27
N ILE A 423 4.22 11.47 -11.37
CA ILE A 423 3.95 10.05 -11.16
C ILE A 423 4.99 9.51 -10.18
N LEU A 424 4.53 9.09 -9.01
CA LEU A 424 5.41 8.47 -8.01
C LEU A 424 5.58 7.00 -8.39
N SER A 425 6.41 6.77 -9.41
CA SER A 425 6.61 5.43 -9.94
C SER A 425 7.65 4.68 -9.12
N GLY A 426 7.62 3.35 -9.25
CA GLY A 426 8.71 2.55 -8.72
C GLY A 426 9.96 2.69 -9.57
N VAL A 427 11.11 2.47 -8.93
CA VAL A 427 12.39 2.67 -9.63
C VAL A 427 12.48 1.76 -10.85
N GLY A 428 12.03 0.52 -10.73
CA GLY A 428 12.05 -0.42 -11.83
C GLY A 428 11.09 -0.10 -12.95
N ALA A 429 10.20 0.86 -12.75
CA ALA A 429 9.24 1.28 -13.78
C ALA A 429 9.53 2.66 -14.32
N ARG A 430 10.51 3.37 -13.77
CA ARG A 430 10.83 4.71 -14.27
C ARG A 430 11.14 4.70 -15.76
N GLU A 431 11.90 3.70 -16.22
CA GLU A 431 12.25 3.63 -17.64
C GLU A 431 11.02 3.60 -18.53
N TYR A 432 9.93 2.98 -18.07
CA TYR A 432 8.69 2.99 -18.84
C TYR A 432 8.23 4.42 -19.10
N TYR A 433 8.15 5.24 -18.04
CA TYR A 433 7.64 6.60 -18.21
C TYR A 433 8.63 7.48 -18.94
N ARG A 434 9.93 7.17 -18.88
CA ARG A 434 10.89 7.92 -19.69
C ARG A 434 10.58 7.79 -21.17
N SER A 435 10.17 6.60 -21.60
CA SER A 435 9.83 6.36 -23.00
C SER A 435 8.53 7.06 -23.42
N LEU A 436 7.88 7.78 -22.51
CA LEU A 436 6.65 8.49 -22.83
C LEU A 436 6.77 9.99 -22.63
N GLY A 437 7.97 10.49 -22.34
CA GLY A 437 8.21 11.91 -22.19
C GLY A 437 8.35 12.41 -20.78
N TYR A 438 8.42 11.52 -19.79
CA TYR A 438 8.55 11.93 -18.41
C TYR A 438 10.01 11.92 -17.98
N GLU A 439 10.32 12.74 -16.97
CA GLU A 439 11.67 12.86 -16.45
C GLU A 439 11.63 12.87 -14.93
N LEU A 440 12.69 12.33 -14.33
CA LEU A 440 12.74 12.15 -12.88
C LEU A 440 12.98 13.49 -12.20
N VAL A 441 12.19 13.77 -11.17
CA VAL A 441 12.35 14.97 -10.35
C VAL A 441 11.92 14.68 -8.92
N ALA A 442 12.89 14.61 -8.01
CA ALA A 442 12.62 14.39 -6.59
C ALA A 442 11.76 13.14 -6.39
N GLY A 443 12.16 12.06 -7.05
CA GLY A 443 11.48 10.79 -6.94
C GLY A 443 10.28 10.62 -7.83
N TYR A 444 9.76 11.69 -8.43
CA TYR A 444 8.59 11.62 -9.28
C TYR A 444 8.99 11.68 -10.75
N MET A 445 8.17 11.07 -11.60
CA MET A 445 8.30 11.18 -13.04
C MET A 445 7.32 12.25 -13.53
N CYS A 446 7.85 13.32 -14.10
CA CYS A 446 7.05 14.50 -14.40
C CYS A 446 7.10 14.84 -15.88
N LYS A 447 6.06 15.54 -16.33
CA LYS A 447 5.95 16.03 -17.69
C LYS A 447 5.21 17.36 -17.66
N HIS A 448 5.69 18.32 -18.47
CA HIS A 448 5.11 19.65 -18.45
C HIS A 448 3.64 19.64 -18.88
N LEU A 449 3.27 18.72 -19.76
CA LEU A 449 1.87 18.56 -20.16
C LEU A 449 1.34 19.79 -20.89
N ASP A 450 1.61 19.87 -22.19
CA ASP A 450 0.97 20.86 -23.04
C ASP A 450 0.31 20.17 -24.23
N1A DCA B . 9.67 -0.64 -17.65
C2A DCA B . 10.01 -0.34 -18.93
N3A DCA B . 9.30 -0.85 -19.95
C4A DCA B . 8.26 -1.69 -19.71
C5A DCA B . 7.94 -1.99 -18.44
C6A DCA B . 8.66 -1.45 -17.40
N6A DCA B . 8.51 -1.62 -15.90
N7A DCA B . 6.89 -2.82 -18.49
C8A DCA B . 6.57 -3.03 -19.77
N9A DCA B . 7.41 -2.34 -20.53
C1B DCA B . 7.48 -2.23 -21.95
C2B DCA B . 6.98 -3.27 -22.61
O2B DCA B . 8.04 -4.22 -22.96
C3B DCA B . 6.38 -2.65 -23.88
O3B DCA B . 7.34 -2.39 -24.79
P3B DCA B . 7.68 -3.54 -25.91
O7A DCA B . 8.63 -2.97 -26.94
O8A DCA B . 8.32 -4.70 -25.23
O9A DCA B . 6.45 -3.98 -26.57
C4B DCA B . 5.77 -1.30 -23.33
O4B DCA B . 6.63 -0.91 -22.43
C5B DCA B . 4.39 -1.56 -22.66
O5B DCA B . 3.32 -1.31 -23.60
P1A DCA B . 2.08 -0.25 -23.19
O1A DCA B . 2.66 1.00 -22.48
O2A DCA B . 1.35 0.20 -24.46
O3A DCA B . 1.03 -0.98 -22.21
P2A DCA B . 1.37 -2.30 -21.29
O4A DCA B . 0.09 -2.91 -20.81
O5A DCA B . 2.14 -3.33 -22.11
O6A DCA B . 2.26 -1.86 -19.98
CBP DCA B . 2.34 -1.21 -17.62
CCP DCA B . 1.69 -0.96 -19.02
CDP DCA B . 1.59 -0.37 -16.56
CEP DCA B . 3.82 -0.77 -17.66
CAP DCA B . 2.23 -2.74 -17.28
OAP DCA B . 3.28 -3.40 -17.84
C9P DCA B . 2.25 -2.94 -15.75
O9P DCA B . 1.33 -3.29 -15.22
N8P DCA B . 3.52 -2.66 -14.96
C7P DCA B . 3.53 -2.85 -13.54
C6P DCA B . 4.45 -1.79 -12.92
C5P DCA B . 3.77 -0.43 -12.93
O5P DCA B . 3.91 0.31 -13.84
N4P DCA B . 2.92 -0.03 -11.76
C3P DCA B . 2.25 1.31 -11.74
C2P DCA B . 1.34 1.42 -10.43
H2A DCA B . 10.72 0.24 -19.09
H61A DCA B . 9.01 -2.19 -15.48
H62A DCA B . 7.94 -1.16 -15.47
H8A DCA B . 5.87 -3.57 -20.07
H1B DCA B . 8.42 -2.18 -22.21
H2B DCA B . 6.30 -3.72 -22.08
HO2A DCA B . 8.64 -3.81 -23.40
H3B DCA B . 5.72 -3.23 -24.29
H4B DCA B . 5.68 -0.66 -24.04
H51A DCA B . 4.29 -0.96 -21.90
H52A DCA B . 4.34 -2.47 -22.35
H121 DCA B . 0.73 -1.12 -18.96
H122 DCA B . 1.85 -0.04 -19.29
H131 DCA B . 1.41 0.51 -16.91
H132 DCA B . 0.75 -0.81 -16.33
H133 DCA B . 2.14 -0.29 -15.76
H141 DCA B . 4.21 -0.87 -16.78
H142 DCA B . 4.30 -1.32 -18.30
H143 DCA B . 3.88 0.16 -17.93
H10 DCA B . 1.39 -3.07 -17.64
HO1 DCA B . 3.03 -4.19 -18.07
HN8 DCA B . 4.22 -2.40 -15.37
H71 DCA B . 2.64 -2.75 -13.19
H72 DCA B . 3.87 -3.73 -13.33
H61 DCA B . 5.26 -1.73 -13.44
H62 DCA B . 4.65 -2.04 -12.01
HN4 DCA B . 2.81 -0.56 -11.09
H31 DCA B . 1.70 1.40 -12.53
H32 DCA B . 2.93 2.01 -11.73
H21 DCA B . 1.09 2.35 -10.28
H22 DCA B . 1.84 1.09 -9.66
H23 DCA B . 0.53 0.89 -10.54
FE1 FES C . -1.99 -0.51 26.69
FE2 FES C . 1.01 0.13 26.49
S1 FES C . -0.83 1.20 25.95
S2 FES C . -0.15 -1.49 27.38
P PO4 D . -3.84 -0.61 -6.84
O1 PO4 D . -5.10 -1.35 -6.45
O2 PO4 D . -3.92 0.80 -6.33
O3 PO4 D . -3.73 -0.61 -8.34
O4 PO4 D . -2.64 -1.30 -6.23
#